data_2CME
#
_entry.id   2CME
#
_cell.length_a   140.028
_cell.length_b   140.028
_cell.length_c   45.146
_cell.angle_alpha   90.00
_cell.angle_beta   90.00
_cell.angle_gamma   90.00
#
_symmetry.space_group_name_H-M   'P 42'
#
loop_
_entity.id
_entity.type
_entity.pdbx_description
1 polymer 'HYPOTHETICAL PROTEIN 5'
2 polymer 'HYPOTHETICAL PROTEIN 5'
3 polymer 'HYPOTHETICAL PROTEIN 5'
4 polymer 'HYPOTHETICAL PROTEIN 5'
5 non-polymer DECANE
6 water water
#
loop_
_entity_poly.entity_id
_entity_poly.type
_entity_poly.pdbx_seq_one_letter_code
_entity_poly.pdbx_strand_id
1 'polypeptide(L)' VPPALHLVDPQIQLTITADPKVYPIILRLGSNLSLSMARRNLDSLEARAFQSTPIVVQMTKLATTEELPDEFVVVTAK A
2 'polypeptide(L)' VPPALHLVDPQIQLTITRADPKVYPIILRLGSNLSLSMARRNLDSLEARAFQSTPIVVQMTKLATTEELPDEFVVVTAK B
3 'polypeptide(L)' PPALHLVDPQIQLTITDPKVYPIILRLGSNLSLSMARRNLDSLEARAFQSTPIVVQMTKLATTEELPDEFVVVTAK C,D,F,H
4 'polypeptide(L)' VPPALHLVDPQIQLTITDPKVYPIILRLGSNLSLSMARRNLDSLEARAFQSTPIVVQMTKLATTEELPDEFVVVTAK E,G
#
# COMPACT_ATOMS: atom_id res chain seq x y z
N VAL A 1 14.65 -10.33 -3.30
CA VAL A 1 13.57 -10.09 -2.30
C VAL A 1 12.50 -9.11 -2.82
N PRO A 2 11.26 -9.61 -3.06
CA PRO A 2 10.03 -8.98 -3.54
C PRO A 2 10.02 -7.47 -3.95
N PRO A 3 8.86 -6.76 -3.85
CA PRO A 3 7.46 -7.06 -3.46
C PRO A 3 6.53 -7.49 -4.59
N ALA A 4 5.58 -8.36 -4.24
CA ALA A 4 4.60 -8.86 -5.20
C ALA A 4 3.35 -8.02 -5.03
N LEU A 5 2.45 -8.10 -6.00
CA LEU A 5 1.21 -7.33 -5.91
C LEU A 5 0.14 -8.13 -5.22
N HIS A 6 -0.53 -7.51 -4.25
CA HIS A 6 -1.58 -8.19 -3.53
C HIS A 6 -2.89 -7.43 -3.64
N LEU A 7 -3.89 -8.08 -4.21
CA LEU A 7 -5.19 -7.48 -4.37
C LEU A 7 -6.08 -7.70 -3.14
N VAL A 8 -6.41 -6.59 -2.47
CA VAL A 8 -7.28 -6.68 -1.32
C VAL A 8 -8.69 -6.66 -1.86
N ASP A 9 -9.37 -7.77 -1.68
CA ASP A 9 -10.74 -7.99 -2.13
C ASP A 9 -11.65 -6.78 -2.09
N PRO A 10 -12.82 -6.88 -2.73
CA PRO A 10 -13.83 -5.82 -2.79
C PRO A 10 -14.32 -5.51 -1.38
N GLN A 11 -14.45 -6.55 -0.60
CA GLN A 11 -14.88 -6.48 0.80
C GLN A 11 -14.32 -5.22 1.45
N ILE A 12 -13.04 -4.97 1.18
CA ILE A 12 -12.30 -3.84 1.72
C ILE A 12 -11.79 -2.92 0.61
N GLN A 13 -12.12 -1.65 0.70
CA GLN A 13 -11.67 -0.72 -0.32
C GLN A 13 -11.57 0.68 0.23
N LEU A 14 -10.74 1.50 -0.40
CA LEU A 14 -10.59 2.85 0.08
C LEU A 14 -11.72 3.75 -0.43
N THR A 15 -11.83 4.98 0.06
CA THR A 15 -12.93 5.85 -0.36
C THR A 15 -12.67 7.36 -0.36
N ILE A 16 -13.38 8.04 -1.26
CA ILE A 16 -13.34 9.50 -1.41
C ILE A 16 -14.77 10.13 -1.55
N THR A 17 -14.85 11.37 -1.07
CA THR A 17 -16.06 12.25 -0.92
C THR A 17 -17.30 12.77 -1.74
N ALA A 18 -18.56 12.43 -1.34
CA ALA A 18 -19.87 12.98 -1.86
C ALA A 18 -20.93 12.43 -2.90
N ASP A 19 -20.42 11.79 -3.93
CA ASP A 19 -21.12 11.18 -5.02
C ASP A 19 -19.99 10.22 -5.28
N PRO A 20 -18.75 10.70 -4.99
CA PRO A 20 -17.49 9.97 -5.14
C PRO A 20 -17.50 8.48 -4.86
N LYS A 21 -16.42 7.83 -5.28
CA LYS A 21 -16.27 6.38 -5.20
C LYS A 21 -15.20 5.76 -4.31
N VAL A 22 -15.10 4.46 -4.51
CA VAL A 22 -14.23 3.58 -3.77
C VAL A 22 -13.23 2.95 -4.74
N TYR A 23 -12.06 2.59 -4.24
CA TYR A 23 -11.03 1.97 -5.06
C TYR A 23 -10.52 0.77 -4.29
N PRO A 24 -10.38 -0.38 -4.97
CA PRO A 24 -9.87 -1.61 -4.33
C PRO A 24 -8.45 -1.34 -3.92
N ILE A 25 -7.85 -2.25 -3.17
CA ILE A 25 -6.51 -1.94 -2.72
C ILE A 25 -5.42 -2.91 -3.13
N ILE A 26 -4.26 -2.36 -3.47
CA ILE A 26 -3.12 -3.16 -3.89
C ILE A 26 -1.95 -2.90 -2.97
N LEU A 27 -1.31 -3.98 -2.52
CA LEU A 27 -0.20 -3.83 -1.60
C LEU A 27 1.15 -4.20 -2.13
N ARG A 28 2.08 -3.27 -1.92
CA ARG A 28 3.47 -3.43 -2.28
C ARG A 28 4.11 -3.63 -0.92
N LEU A 29 3.44 -4.44 -0.12
CA LEU A 29 3.89 -4.74 1.24
C LEU A 29 5.36 -5.03 1.34
N GLY A 30 6.03 -4.26 2.19
CA GLY A 30 7.44 -4.45 2.45
C GLY A 30 7.39 -5.18 3.76
N SER A 31 6.63 -4.59 4.67
CA SER A 31 6.40 -5.17 5.97
C SER A 31 4.98 -5.68 5.84
N ASN A 32 4.67 -6.79 6.49
CA ASN A 32 3.31 -7.31 6.41
C ASN A 32 2.45 -6.56 7.44
N LEU A 33 1.56 -5.70 6.95
CA LEU A 33 0.67 -4.90 7.79
C LEU A 33 -0.48 -5.59 8.50
N SER A 34 -0.79 -5.07 9.68
CA SER A 34 -1.88 -5.58 10.46
C SER A 34 -3.00 -4.53 10.46
N LEU A 35 -4.23 -5.01 10.46
CA LEU A 35 -5.35 -4.11 10.50
C LEU A 35 -6.30 -4.53 11.62
N SER A 36 -6.90 -3.56 12.29
CA SER A 36 -7.82 -3.87 13.36
C SER A 36 -8.93 -2.83 13.52
N MET A 37 -10.08 -3.32 13.97
CA MET A 37 -11.23 -2.47 14.20
C MET A 37 -11.28 -2.14 15.68
N ALA A 38 -11.48 -0.86 16.00
CA ALA A 38 -11.54 -0.44 17.39
C ALA A 38 -12.87 0.21 17.75
N ARG A 39 -13.22 0.13 19.04
CA ARG A 39 -14.47 0.71 19.54
C ARG A 39 -14.30 1.18 20.99
N ARG A 40 -14.94 2.30 21.33
CA ARG A 40 -14.87 2.84 22.68
C ARG A 40 -15.53 1.88 23.67
N ASN A 41 -15.03 1.87 24.90
CA ASN A 41 -15.59 1.03 25.94
C ASN A 41 -16.44 1.95 26.82
N LEU A 42 -17.67 2.21 26.36
CA LEU A 42 -18.61 3.11 27.04
C LEU A 42 -19.55 2.48 28.07
N ASP A 43 -19.28 1.26 28.48
CA ASP A 43 -20.14 0.60 29.45
C ASP A 43 -19.33 0.12 30.60
N SER A 44 -18.02 0.32 30.52
CA SER A 44 -17.10 -0.16 31.54
C SER A 44 -16.00 0.85 31.89
N LEU A 45 -14.98 0.38 32.62
CA LEU A 45 -13.83 1.20 33.03
C LEU A 45 -12.59 0.40 33.44
N GLU A 46 -12.66 -0.93 33.40
CA GLU A 46 -11.53 -1.77 33.79
C GLU A 46 -10.93 -2.56 32.62
N ALA A 47 -11.60 -2.51 31.47
CA ALA A 47 -11.14 -3.20 30.26
C ALA A 47 -10.93 -2.17 29.15
N ARG A 48 -9.77 -2.25 28.50
CA ARG A 48 -9.38 -1.34 27.41
C ARG A 48 -10.38 -0.30 26.94
N ALA A 49 -9.95 0.95 26.93
CA ALA A 49 -10.80 2.06 26.52
C ALA A 49 -11.41 1.75 25.16
N PHE A 50 -10.75 0.88 24.40
CA PHE A 50 -11.21 0.51 23.06
C PHE A 50 -11.15 -0.98 22.71
N GLN A 51 -12.16 -1.39 21.94
CA GLN A 51 -12.34 -2.76 21.46
C GLN A 51 -11.51 -3.07 20.22
N SER A 52 -10.25 -3.48 20.40
CA SER A 52 -9.45 -3.81 19.23
C SER A 52 -9.71 -5.25 18.79
N THR A 53 -10.39 -5.37 17.67
CA THR A 53 -10.72 -6.66 17.14
C THR A 53 -9.94 -6.82 15.85
N PRO A 54 -8.80 -7.55 15.89
CA PRO A 54 -8.01 -7.73 14.67
C PRO A 54 -8.93 -8.08 13.49
N ILE A 55 -8.69 -7.47 12.33
CA ILE A 55 -9.51 -7.67 11.12
C ILE A 55 -8.90 -8.58 10.05
N VAL A 56 -9.71 -9.49 9.53
CA VAL A 56 -9.26 -10.45 8.51
C VAL A 56 -9.22 -9.91 7.08
N VAL A 57 -8.02 -9.80 6.54
CA VAL A 57 -7.83 -9.31 5.17
C VAL A 57 -7.61 -10.49 4.25
N GLN A 58 -8.57 -10.70 3.35
CA GLN A 58 -8.54 -11.80 2.42
C GLN A 58 -7.85 -11.44 1.10
N MET A 59 -6.85 -10.57 1.16
CA MET A 59 -6.13 -10.15 -0.03
C MET A 59 -5.58 -11.33 -0.84
N THR A 60 -5.48 -11.12 -2.16
CA THR A 60 -4.97 -12.14 -3.08
C THR A 60 -3.64 -11.76 -3.70
N LYS A 61 -2.78 -12.74 -3.90
CA LYS A 61 -1.48 -12.46 -4.52
C LYS A 61 -1.67 -12.57 -6.03
N LEU A 62 -1.20 -11.56 -6.75
CA LEU A 62 -1.36 -11.52 -8.19
C LEU A 62 -0.21 -12.05 -9.00
N ALA A 63 -0.56 -12.72 -10.09
CA ALA A 63 0.41 -13.29 -11.02
C ALA A 63 0.50 -12.33 -12.21
N THR A 64 -0.65 -12.05 -12.82
CA THR A 64 -0.72 -11.14 -13.98
C THR A 64 -1.31 -9.78 -13.67
N THR A 65 -0.81 -8.79 -14.38
CA THR A 65 -1.26 -7.43 -14.22
C THR A 65 -2.62 -7.27 -14.93
N GLU A 66 -3.01 -8.31 -15.67
CA GLU A 66 -4.27 -8.26 -16.41
C GLU A 66 -5.46 -8.44 -15.47
N GLU A 67 -5.21 -9.00 -14.28
CA GLU A 67 -6.27 -9.24 -13.29
C GLU A 67 -6.76 -7.97 -12.60
N LEU A 68 -6.00 -6.90 -12.77
CA LEU A 68 -6.32 -5.62 -12.15
C LEU A 68 -7.43 -4.79 -12.75
N PRO A 69 -8.08 -3.95 -11.93
CA PRO A 69 -9.17 -3.06 -12.30
C PRO A 69 -8.59 -1.93 -13.11
N ASP A 70 -9.43 -1.14 -13.76
CA ASP A 70 -8.88 -0.06 -14.55
C ASP A 70 -8.26 0.99 -13.64
N GLU A 71 -8.93 1.27 -12.53
CA GLU A 71 -8.48 2.24 -11.53
C GLU A 71 -8.31 1.54 -10.20
N PHE A 72 -7.45 2.07 -9.33
CA PHE A 72 -7.22 1.47 -8.00
C PHE A 72 -6.08 2.14 -7.25
N VAL A 73 -6.05 1.96 -5.94
CA VAL A 73 -5.03 2.56 -5.10
C VAL A 73 -3.99 1.55 -4.63
N VAL A 74 -2.73 1.95 -4.69
CA VAL A 74 -1.67 1.07 -4.29
C VAL A 74 -1.03 1.54 -3.01
N VAL A 75 -1.00 0.66 -2.03
CA VAL A 75 -0.40 1.02 -0.76
C VAL A 75 1.05 0.51 -0.80
N THR A 76 1.97 1.37 -1.21
CA THR A 76 3.39 1.00 -1.28
C THR A 76 3.82 0.85 0.17
N ALA A 77 3.89 -0.39 0.62
CA ALA A 77 4.24 -0.68 1.99
C ALA A 77 5.74 -0.68 2.30
N LYS A 78 6.27 0.50 2.61
CA LYS A 78 7.69 0.62 2.96
C LYS A 78 7.95 -0.24 4.20
N VAL B 1 10.10 4.45 21.20
CA VAL B 1 8.89 5.33 21.26
C VAL B 1 7.71 4.70 20.51
N PRO B 2 6.55 4.55 21.18
CA PRO B 2 5.35 3.94 20.59
C PRO B 2 4.69 4.80 19.50
N PRO B 3 4.67 4.29 18.25
CA PRO B 3 4.11 4.92 17.05
C PRO B 3 2.82 5.70 17.24
N ALA B 4 2.94 6.95 17.69
CA ALA B 4 1.80 7.82 17.92
C ALA B 4 0.68 7.56 16.93
N LEU B 5 -0.54 7.66 17.42
CA LEU B 5 -1.73 7.42 16.61
C LEU B 5 -2.00 8.54 15.63
N HIS B 6 -2.26 8.17 14.38
CA HIS B 6 -2.56 9.18 13.39
C HIS B 6 -3.94 9.01 12.82
N LEU B 7 -4.65 10.13 12.78
CA LEU B 7 -6.00 10.16 12.26
C LEU B 7 -6.04 10.54 10.79
N VAL B 8 -6.47 9.61 9.98
CA VAL B 8 -6.58 9.87 8.56
C VAL B 8 -7.95 10.47 8.29
N ASP B 9 -7.93 11.74 7.92
CA ASP B 9 -9.13 12.54 7.63
C ASP B 9 -10.28 11.76 7.02
N PRO B 10 -11.52 12.23 7.25
CA PRO B 10 -12.74 11.60 6.73
C PRO B 10 -12.71 11.54 5.21
N GLN B 11 -11.87 12.40 4.65
CA GLN B 11 -11.66 12.51 3.21
C GLN B 11 -11.40 11.10 2.69
N ILE B 12 -10.56 10.38 3.43
CA ILE B 12 -10.16 9.01 3.10
C ILE B 12 -10.57 8.06 4.22
N GLN B 13 -11.40 7.09 3.89
CA GLN B 13 -11.81 6.14 4.91
C GLN B 13 -11.98 4.78 4.26
N LEU B 14 -12.00 3.74 5.09
CA LEU B 14 -12.16 2.38 4.59
C LEU B 14 -13.62 2.04 4.39
N THR B 15 -13.88 1.01 3.60
CA THR B 15 -15.25 0.57 3.35
C THR B 15 -15.23 -0.96 3.36
N ILE B 16 -15.84 -1.51 4.39
CA ILE B 16 -15.94 -2.94 4.54
C ILE B 16 -17.37 -3.25 4.16
N THR B 17 -17.57 -4.33 3.43
CA THR B 17 -18.91 -4.60 2.96
C THR B 17 -19.62 -5.92 3.17
N ARG B 18 -20.93 -5.77 3.35
CA ARG B 18 -21.91 -6.83 3.56
C ARG B 18 -23.18 -6.00 3.78
N ALA B 19 -24.25 -6.33 3.05
CA ALA B 19 -25.50 -5.60 3.13
C ALA B 19 -25.31 -4.32 2.32
N ASP B 20 -24.28 -3.53 2.67
CA ASP B 20 -23.90 -2.28 1.99
C ASP B 20 -23.17 -1.19 2.81
N PRO B 21 -23.41 -1.11 4.13
CA PRO B 21 -22.78 -0.10 5.01
C PRO B 21 -21.30 -0.21 5.29
N LYS B 22 -20.92 0.42 6.40
CA LYS B 22 -19.58 0.42 6.95
C LYS B 22 -18.47 1.25 6.29
N VAL B 23 -18.27 2.46 6.82
CA VAL B 23 -17.22 3.39 6.40
C VAL B 23 -16.54 3.89 7.68
N TYR B 24 -15.34 3.41 7.94
CA TYR B 24 -14.62 3.76 9.16
C TYR B 24 -13.41 4.63 8.92
N PRO B 25 -13.28 5.74 9.66
CA PRO B 25 -12.10 6.58 9.44
C PRO B 25 -10.88 5.71 9.68
N ILE B 26 -9.69 6.23 9.39
CA ILE B 26 -8.53 5.40 9.55
C ILE B 26 -7.47 5.85 10.54
N ILE B 27 -7.04 4.89 11.35
CA ILE B 27 -6.02 5.16 12.34
C ILE B 27 -4.73 4.43 12.03
N LEU B 28 -3.61 5.12 12.18
CA LEU B 28 -2.32 4.53 11.86
C LEU B 28 -1.34 4.32 13.01
N ARG B 29 -0.88 3.08 13.07
CA ARG B 29 0.09 2.63 14.06
C ARG B 29 1.37 2.60 13.28
N LEU B 30 1.55 3.63 12.45
CA LEU B 30 2.72 3.74 11.59
C LEU B 30 4.05 3.52 12.28
N GLY B 31 4.69 2.42 11.96
CA GLY B 31 6.02 2.16 12.49
C GLY B 31 6.78 2.62 11.27
N SER B 32 6.71 1.78 10.25
CA SER B 32 7.31 2.07 8.96
C SER B 32 6.29 3.02 8.35
N ASN B 33 6.74 3.91 7.48
CA ASN B 33 5.81 4.85 6.85
C ASN B 33 5.23 4.23 5.58
N LEU B 34 3.96 4.50 5.35
CA LEU B 34 3.25 3.96 4.19
C LEU B 34 3.07 4.97 3.08
N SER B 35 3.17 4.49 1.84
CA SER B 35 2.96 5.35 0.69
C SER B 35 1.67 4.93 -0.01
N LEU B 36 0.92 5.91 -0.51
CA LEU B 36 -0.31 5.61 -1.20
C LEU B 36 -0.34 6.30 -2.54
N SER B 37 -0.82 5.59 -3.56
CA SER B 37 -0.90 6.13 -4.91
C SER B 37 -2.15 5.69 -5.65
N MET B 38 -2.51 6.44 -6.68
CA MET B 38 -3.68 6.11 -7.51
C MET B 38 -3.13 5.57 -8.82
N ALA B 39 -3.75 4.50 -9.32
CA ALA B 39 -3.30 3.90 -10.56
C ALA B 39 -4.44 3.74 -11.56
N ARG B 40 -4.07 3.87 -12.83
CA ARG B 40 -5.04 3.75 -13.90
C ARG B 40 -4.40 3.22 -15.18
N ARG B 41 -5.10 2.30 -15.82
CA ARG B 41 -4.68 1.68 -17.08
C ARG B 41 -4.30 2.70 -18.14
N ASN B 42 -3.26 2.39 -18.91
CA ASN B 42 -2.82 3.25 -20.01
C ASN B 42 -3.51 2.73 -21.28
N LEU B 43 -4.72 3.22 -21.50
CA LEU B 43 -5.53 2.79 -22.65
C LEU B 43 -5.49 3.70 -23.87
N ASP B 44 -4.46 4.53 -23.97
CA ASP B 44 -4.37 5.44 -25.11
C ASP B 44 -3.00 5.46 -25.74
N SER B 45 -2.10 4.60 -25.26
CA SER B 45 -0.74 4.50 -25.80
C SER B 45 -0.18 3.10 -25.52
N LEU B 46 1.02 2.81 -26.03
CA LEU B 46 1.62 1.49 -25.79
C LEU B 46 3.12 1.54 -25.54
N GLU B 47 3.63 2.73 -25.25
CA GLU B 47 5.05 2.96 -24.94
C GLU B 47 5.08 3.66 -23.59
N ALA B 48 3.90 4.08 -23.16
CA ALA B 48 3.73 4.75 -21.89
C ALA B 48 3.52 3.64 -20.88
N ARG B 49 3.70 3.97 -19.59
CA ARG B 49 3.54 3.04 -18.47
C ARG B 49 2.27 2.23 -18.62
N ALA B 50 2.34 0.95 -18.26
CA ALA B 50 1.17 0.10 -18.33
C ALA B 50 0.08 0.78 -17.52
N PHE B 51 0.42 1.17 -16.29
CA PHE B 51 -0.50 1.88 -15.40
C PHE B 51 0.07 3.24 -15.02
N GLN B 52 -0.83 4.19 -14.84
CA GLN B 52 -0.43 5.54 -14.47
C GLN B 52 -0.54 5.71 -12.95
N SER B 53 0.62 5.90 -12.31
CA SER B 53 0.69 6.05 -10.86
C SER B 53 0.77 7.52 -10.44
N THR B 54 -0.24 7.95 -9.69
CA THR B 54 -0.35 9.32 -9.18
C THR B 54 -0.33 9.24 -7.66
N PRO B 55 0.84 9.46 -7.03
CA PRO B 55 0.93 9.41 -5.57
C PRO B 55 -0.19 10.20 -4.91
N ILE B 56 -0.71 9.69 -3.81
CA ILE B 56 -1.83 10.34 -3.12
C ILE B 56 -1.48 11.02 -1.79
N VAL B 57 -1.95 12.25 -1.65
CA VAL B 57 -1.73 13.08 -0.46
C VAL B 57 -2.62 12.72 0.73
N VAL B 58 -2.01 12.13 1.75
CA VAL B 58 -2.72 11.74 2.95
C VAL B 58 -2.57 12.87 3.96
N GLN B 59 -3.68 13.53 4.27
CA GLN B 59 -3.63 14.64 5.21
C GLN B 59 -3.88 14.20 6.66
N MET B 60 -3.40 13.00 7.00
CA MET B 60 -3.58 12.46 8.34
C MET B 60 -3.12 13.43 9.43
N THR B 61 -3.73 13.27 10.61
CA THR B 61 -3.46 14.11 11.78
C THR B 61 -2.86 13.29 12.92
N LYS B 62 -1.91 13.87 13.62
CA LYS B 62 -1.30 13.19 14.76
C LYS B 62 -2.19 13.52 15.96
N LEU B 63 -2.39 12.54 16.83
CA LEU B 63 -3.25 12.74 17.99
C LEU B 63 -2.52 12.71 19.35
N ALA B 64 -3.08 13.47 20.30
CA ALA B 64 -2.55 13.56 21.65
C ALA B 64 -3.50 12.91 22.66
N THR B 65 -4.80 13.19 22.50
CA THR B 65 -5.80 12.61 23.39
C THR B 65 -6.76 11.66 22.68
N THR B 66 -7.01 10.52 23.30
CA THR B 66 -7.89 9.49 22.75
C THR B 66 -9.35 9.92 22.68
N GLU B 67 -9.66 11.08 23.25
CA GLU B 67 -11.02 11.60 23.26
C GLU B 67 -11.42 12.23 21.93
N GLU B 68 -10.44 12.38 21.06
CA GLU B 68 -10.66 12.96 19.76
C GLU B 68 -11.22 11.92 18.78
N LEU B 69 -11.15 10.66 19.18
CA LEU B 69 -11.61 9.56 18.33
C LEU B 69 -13.10 9.26 18.38
N PRO B 70 -13.60 8.53 17.35
CA PRO B 70 -15.00 8.12 17.26
C PRO B 70 -15.13 6.75 17.95
N ASP B 71 -16.35 6.28 18.16
CA ASP B 71 -16.58 5.00 18.84
C ASP B 71 -16.09 3.77 18.09
N GLU B 72 -16.11 3.85 16.76
CA GLU B 72 -15.66 2.76 15.91
C GLU B 72 -14.85 3.34 14.78
N PHE B 73 -13.77 2.65 14.43
CA PHE B 73 -12.89 3.07 13.37
C PHE B 73 -11.91 1.93 13.15
N VAL B 74 -11.20 1.97 12.04
CA VAL B 74 -10.26 0.90 11.78
C VAL B 74 -8.86 1.33 12.14
N VAL B 75 -8.07 0.38 12.59
CA VAL B 75 -6.72 0.69 12.94
C VAL B 75 -5.67 -0.07 12.17
N VAL B 76 -4.98 0.68 11.35
CA VAL B 76 -3.94 0.09 10.56
C VAL B 76 -2.72 -0.04 11.43
N THR B 77 -2.60 -1.21 12.05
CA THR B 77 -1.43 -1.45 12.86
C THR B 77 -0.36 -1.51 11.79
N ALA B 78 0.46 -0.46 11.69
CA ALA B 78 1.51 -0.42 10.67
C ALA B 78 2.58 -1.47 10.96
N LYS B 79 2.14 -2.72 11.09
CA LYS B 79 2.99 -3.86 11.38
C LYS B 79 3.51 -4.56 10.10
N PRO C 1 -10.28 -14.86 -11.28
CA PRO C 1 -9.84 -13.72 -12.13
C PRO C 1 -9.18 -14.14 -13.45
N PRO C 2 -8.11 -14.97 -13.38
CA PRO C 2 -7.35 -15.45 -14.55
C PRO C 2 -8.04 -15.40 -15.90
N ALA C 3 -7.24 -15.14 -16.94
CA ALA C 3 -7.77 -15.06 -18.30
C ALA C 3 -8.40 -16.38 -18.64
N LEU C 4 -9.07 -16.41 -19.78
CA LEU C 4 -9.70 -17.63 -20.23
C LEU C 4 -8.80 -18.28 -21.25
N HIS C 5 -8.41 -19.52 -20.97
CA HIS C 5 -7.55 -20.26 -21.88
C HIS C 5 -8.25 -21.47 -22.44
N LEU C 6 -8.46 -21.42 -23.76
CA LEU C 6 -9.12 -22.49 -24.48
C LEU C 6 -8.19 -23.63 -24.88
N VAL C 7 -8.29 -24.75 -24.17
CA VAL C 7 -7.49 -25.89 -24.51
C VAL C 7 -8.08 -26.49 -25.77
N ASP C 8 -7.30 -26.42 -26.84
CA ASP C 8 -7.70 -26.93 -28.14
C ASP C 8 -8.48 -28.23 -28.08
N PRO C 9 -9.15 -28.57 -29.19
CA PRO C 9 -9.96 -29.78 -29.33
C PRO C 9 -9.09 -31.00 -29.06
N GLN C 10 -7.88 -30.93 -29.57
CA GLN C 10 -6.88 -31.97 -29.41
C GLN C 10 -7.06 -32.65 -28.07
N ILE C 11 -7.31 -31.85 -27.02
CA ILE C 11 -7.50 -32.36 -25.67
C ILE C 11 -8.86 -31.93 -25.15
N GLN C 12 -9.66 -32.90 -24.74
CA GLN C 12 -10.99 -32.60 -24.24
C GLN C 12 -11.43 -33.57 -23.17
N LEU C 13 -12.33 -33.11 -22.30
CA LEU C 13 -12.82 -33.97 -21.23
C LEU C 13 -13.95 -34.87 -21.73
N THR C 14 -14.20 -35.96 -21.04
CA THR C 14 -15.24 -36.90 -21.43
C THR C 14 -15.91 -37.41 -20.17
N ILE C 15 -17.23 -37.55 -20.23
CA ILE C 15 -17.98 -38.04 -19.08
C ILE C 15 -18.95 -39.15 -19.41
N THR C 16 -18.99 -40.15 -18.53
CA THR C 16 -19.87 -41.31 -18.66
C THR C 16 -20.87 -41.21 -19.80
N ASP C 17 -20.40 -41.55 -21.00
CA ASP C 17 -21.15 -41.54 -22.26
C ASP C 17 -20.41 -40.63 -23.23
N PRO C 18 -20.29 -41.05 -24.50
CA PRO C 18 -19.61 -40.32 -25.58
C PRO C 18 -19.63 -38.78 -25.59
N LYS C 19 -19.92 -38.15 -24.45
CA LYS C 19 -19.94 -36.69 -24.38
C LYS C 19 -18.57 -36.10 -24.04
N VAL C 20 -18.09 -35.24 -24.93
CA VAL C 20 -16.80 -34.60 -24.80
C VAL C 20 -16.94 -33.08 -24.83
N TYR C 21 -16.35 -32.42 -23.84
CA TYR C 21 -16.42 -30.98 -23.75
C TYR C 21 -15.04 -30.34 -23.76
N PRO C 22 -14.86 -29.27 -24.54
CA PRO C 22 -13.56 -28.60 -24.59
C PRO C 22 -13.23 -28.04 -23.21
N ILE C 23 -11.95 -27.80 -22.96
CA ILE C 23 -11.53 -27.33 -21.66
C ILE C 23 -11.12 -25.85 -21.58
N ILE C 24 -11.59 -25.18 -20.54
CA ILE C 24 -11.28 -23.77 -20.30
C ILE C 24 -10.56 -23.68 -18.95
N LEU C 25 -9.50 -22.87 -18.89
CA LEU C 25 -8.72 -22.79 -17.66
C LEU C 25 -8.65 -21.42 -16.99
N ARG C 26 -9.03 -21.40 -15.71
CA ARG C 26 -9.02 -20.18 -14.90
C ARG C 26 -7.70 -20.16 -14.17
N LEU C 27 -6.71 -20.75 -14.84
CA LEU C 27 -5.37 -20.88 -14.32
C LEU C 27 -4.95 -19.83 -13.30
N GLY C 28 -4.90 -20.24 -12.04
CA GLY C 28 -4.46 -19.39 -10.96
C GLY C 28 -3.02 -19.84 -10.79
N SER C 29 -2.77 -21.03 -11.33
CA SER C 29 -1.46 -21.69 -11.35
C SER C 29 -1.20 -22.07 -12.80
N ASN C 30 -0.03 -22.62 -13.09
CA ASN C 30 0.26 -23.04 -14.46
C ASN C 30 0.45 -24.55 -14.48
N LEU C 31 -0.68 -25.24 -14.44
CA LEU C 31 -0.72 -26.70 -14.44
C LEU C 31 0.18 -27.38 -15.44
N SER C 32 0.69 -28.53 -15.01
CA SER C 32 1.56 -29.34 -15.84
C SER C 32 0.80 -30.64 -16.14
N LEU C 33 1.00 -31.16 -17.34
CA LEU C 33 0.35 -32.41 -17.71
C LEU C 33 1.36 -33.38 -18.30
N SER C 34 1.29 -34.64 -17.87
CA SER C 34 2.22 -35.65 -18.37
C SER C 34 1.58 -37.02 -18.52
N MET C 35 1.96 -37.70 -19.58
CA MET C 35 1.45 -39.04 -19.85
C MET C 35 2.34 -40.04 -19.15
N ALA C 36 1.74 -40.97 -18.40
CA ALA C 36 2.51 -41.99 -17.71
C ALA C 36 2.21 -43.38 -18.33
N ARG C 37 3.19 -44.28 -18.23
CA ARG C 37 3.10 -45.66 -18.76
C ARG C 37 3.97 -46.62 -17.97
N ARG C 38 3.46 -47.83 -17.74
CA ARG C 38 4.22 -48.82 -16.99
C ARG C 38 5.45 -49.27 -17.73
N ASN C 39 6.51 -49.48 -16.96
CA ASN C 39 7.76 -49.94 -17.51
C ASN C 39 7.64 -51.46 -17.35
N LEU C 40 7.08 -52.10 -18.37
CA LEU C 40 6.87 -53.55 -18.33
C LEU C 40 7.94 -54.39 -19.02
N ASP C 41 9.12 -53.80 -19.24
CA ASP C 41 10.20 -54.51 -19.93
C ASP C 41 11.58 -54.44 -19.28
N SER C 42 11.69 -53.67 -18.19
CA SER C 42 12.95 -53.53 -17.47
C SER C 42 12.68 -53.40 -15.98
N LEU C 43 13.74 -53.45 -15.19
CA LEU C 43 13.57 -53.30 -13.76
C LEU C 43 14.59 -52.33 -13.20
N GLU C 44 15.24 -51.64 -14.12
CA GLU C 44 16.22 -50.62 -13.78
C GLU C 44 15.60 -49.27 -14.09
N ALA C 45 14.80 -49.23 -15.15
CA ALA C 45 14.13 -48.02 -15.59
C ALA C 45 12.99 -47.61 -14.65
N ARG C 46 12.51 -46.39 -14.81
CA ARG C 46 11.44 -45.81 -14.00
C ARG C 46 10.15 -46.64 -13.95
N ALA C 47 9.53 -46.70 -12.77
CA ALA C 47 8.29 -47.45 -12.57
C ALA C 47 7.27 -47.19 -13.70
N PHE C 48 7.06 -45.91 -13.98
CA PHE C 48 6.18 -45.43 -15.05
C PHE C 48 6.98 -44.39 -15.80
N GLN C 49 6.92 -44.45 -17.11
CA GLN C 49 7.62 -43.47 -17.89
C GLN C 49 6.69 -42.24 -18.00
N SER C 50 7.17 -41.08 -17.56
CA SER C 50 6.36 -39.87 -17.64
C SER C 50 6.82 -38.99 -18.80
N THR C 51 5.92 -38.76 -19.73
CA THR C 51 6.22 -37.94 -20.88
C THR C 51 5.42 -36.67 -20.76
N PRO C 52 6.06 -35.58 -20.35
CA PRO C 52 5.32 -34.32 -20.24
C PRO C 52 4.56 -34.09 -21.53
N ILE C 53 3.32 -33.62 -21.42
CA ILE C 53 2.44 -33.39 -22.57
C ILE C 53 2.20 -31.92 -22.94
N VAL C 54 2.38 -31.61 -24.23
CA VAL C 54 2.22 -30.26 -24.77
C VAL C 54 0.77 -29.81 -24.99
N VAL C 55 0.29 -28.90 -24.14
CA VAL C 55 -1.07 -28.40 -24.26
C VAL C 55 -1.05 -27.12 -25.08
N GLN C 56 -1.67 -27.16 -26.25
CA GLN C 56 -1.67 -26.00 -27.13
C GLN C 56 -2.79 -24.99 -26.87
N MET C 57 -3.05 -24.70 -25.59
CA MET C 57 -4.10 -23.76 -25.23
C MET C 57 -3.94 -22.34 -25.76
N THR C 58 -5.09 -21.71 -26.01
CA THR C 58 -5.18 -20.34 -26.54
C THR C 58 -5.74 -19.35 -25.52
N LYS C 59 -5.18 -18.15 -25.48
CA LYS C 59 -5.72 -17.16 -24.55
C LYS C 59 -6.85 -16.41 -25.24
N LEU C 60 -7.99 -16.33 -24.57
CA LEU C 60 -9.17 -15.67 -25.14
C LEU C 60 -9.34 -14.19 -24.86
N ALA C 61 -9.86 -13.49 -25.85
CA ALA C 61 -10.11 -12.06 -25.73
C ALA C 61 -11.62 -11.82 -25.57
N THR C 62 -12.40 -12.52 -26.38
CA THR C 62 -13.86 -12.41 -26.33
C THR C 62 -14.58 -13.70 -25.95
N THR C 63 -15.71 -13.54 -25.27
CA THR C 63 -16.53 -14.65 -24.79
C THR C 63 -17.35 -15.26 -25.91
N GLU C 64 -17.27 -14.66 -27.10
CA GLU C 64 -18.01 -15.12 -28.25
C GLU C 64 -17.27 -16.18 -29.05
N GLU C 65 -16.00 -16.38 -28.72
CA GLU C 65 -15.17 -17.39 -29.40
C GLU C 65 -15.58 -18.76 -28.83
N LEU C 66 -16.24 -18.71 -27.67
CA LEU C 66 -16.70 -19.88 -26.93
C LEU C 66 -17.94 -20.57 -27.48
N PRO C 67 -18.27 -21.74 -26.92
CA PRO C 67 -19.45 -22.51 -27.33
C PRO C 67 -20.54 -22.45 -26.25
N ASP C 68 -21.66 -23.11 -26.54
CA ASP C 68 -22.79 -23.14 -25.61
C ASP C 68 -22.42 -23.94 -24.36
N GLU C 69 -21.87 -25.13 -24.55
CA GLU C 69 -21.49 -25.98 -23.43
C GLU C 69 -20.00 -26.34 -23.43
N PHE C 70 -19.38 -26.24 -22.25
CA PHE C 70 -17.95 -26.56 -22.08
C PHE C 70 -17.60 -26.60 -20.59
N VAL C 71 -16.52 -27.30 -20.26
CA VAL C 71 -16.09 -27.43 -18.85
C VAL C 71 -15.01 -26.43 -18.51
N VAL C 72 -15.05 -25.95 -17.27
CA VAL C 72 -14.09 -24.97 -16.80
C VAL C 72 -13.30 -25.37 -15.56
N VAL C 73 -12.04 -25.69 -15.82
CA VAL C 73 -11.13 -26.08 -14.77
C VAL C 73 -10.68 -24.82 -14.07
N THR C 74 -11.38 -24.49 -13.00
CA THR C 74 -11.06 -23.33 -12.21
C THR C 74 -9.76 -23.72 -11.49
N ALA C 75 -8.64 -23.33 -12.09
CA ALA C 75 -7.34 -23.65 -11.54
C ALA C 75 -7.10 -22.89 -10.24
N LYS C 76 -8.05 -23.03 -9.32
CA LYS C 76 -7.91 -22.36 -8.05
C LYS C 76 -6.92 -23.17 -7.21
N PRO D 1 5.16 -32.96 -0.81
CA PRO D 1 4.64 -33.61 -2.02
C PRO D 1 3.15 -33.94 -1.93
N PRO D 2 2.54 -34.26 -3.08
CA PRO D 2 1.12 -34.58 -3.10
C PRO D 2 0.81 -36.08 -3.09
N ALA D 3 -0.46 -36.40 -2.83
CA ALA D 3 -0.92 -37.78 -2.79
C ALA D 3 -1.59 -38.05 -4.12
N LEU D 4 -1.34 -39.22 -4.70
CA LEU D 4 -1.96 -39.52 -5.98
C LEU D 4 -3.46 -39.73 -5.82
N HIS D 5 -4.20 -39.10 -6.71
CA HIS D 5 -5.64 -39.19 -6.68
C HIS D 5 -6.17 -39.63 -8.02
N LEU D 6 -6.93 -40.71 -8.00
CA LEU D 6 -7.50 -41.25 -9.21
C LEU D 6 -8.87 -40.65 -9.50
N VAL D 7 -8.98 -40.00 -10.65
CA VAL D 7 -10.23 -39.44 -11.04
C VAL D 7 -10.99 -40.53 -11.78
N ASP D 8 -12.04 -41.04 -11.14
CA ASP D 8 -12.88 -42.10 -11.68
C ASP D 8 -13.09 -42.02 -13.17
N PRO D 9 -13.37 -43.16 -13.79
CA PRO D 9 -13.60 -43.30 -15.23
C PRO D 9 -14.73 -42.39 -15.74
N GLN D 10 -15.58 -41.95 -14.81
CA GLN D 10 -16.70 -41.06 -15.14
C GLN D 10 -16.16 -39.86 -15.93
N ILE D 11 -15.02 -39.34 -15.48
CA ILE D 11 -14.39 -38.20 -16.12
C ILE D 11 -13.01 -38.60 -16.61
N GLN D 12 -12.79 -38.44 -17.91
CA GLN D 12 -11.50 -38.80 -18.48
C GLN D 12 -11.08 -37.91 -19.62
N LEU D 13 -9.78 -37.67 -19.69
CA LEU D 13 -9.26 -36.84 -20.74
C LEU D 13 -9.41 -37.55 -22.07
N THR D 14 -9.35 -36.79 -23.16
CA THR D 14 -9.46 -37.34 -24.50
C THR D 14 -8.58 -36.54 -25.43
N ILE D 15 -7.84 -37.23 -26.28
CA ILE D 15 -6.95 -36.55 -27.19
C ILE D 15 -7.37 -36.73 -28.64
N THR D 16 -6.65 -36.06 -29.54
CA THR D 16 -6.91 -36.14 -30.96
C THR D 16 -7.18 -37.58 -31.37
N ASP D 17 -8.41 -37.86 -31.83
CA ASP D 17 -8.83 -39.21 -32.23
C ASP D 17 -9.01 -40.03 -30.96
N PRO D 18 -10.22 -40.54 -30.71
CA PRO D 18 -10.52 -41.34 -29.51
C PRO D 18 -9.36 -42.03 -28.80
N LYS D 19 -8.82 -41.33 -27.79
CA LYS D 19 -7.74 -41.81 -26.95
C LYS D 19 -8.23 -41.38 -25.58
N VAL D 20 -8.72 -42.30 -24.74
CA VAL D 20 -9.20 -41.87 -23.44
C VAL D 20 -8.41 -42.37 -22.26
N TYR D 21 -7.80 -41.45 -21.53
CA TYR D 21 -6.97 -41.80 -20.39
C TYR D 21 -7.50 -41.32 -19.09
N PRO D 22 -7.56 -42.22 -18.11
CA PRO D 22 -8.05 -41.85 -16.78
C PRO D 22 -7.22 -40.68 -16.29
N ILE D 23 -7.65 -40.09 -15.19
CA ILE D 23 -6.97 -38.94 -14.69
C ILE D 23 -6.32 -39.11 -13.31
N ILE D 24 -5.05 -38.70 -13.22
CA ILE D 24 -4.33 -38.76 -11.94
C ILE D 24 -3.94 -37.36 -11.53
N LEU D 25 -4.22 -37.07 -10.26
CA LEU D 25 -3.98 -35.74 -9.74
C LEU D 25 -2.88 -35.56 -8.73
N ARG D 26 -1.92 -34.70 -9.08
CA ARG D 26 -0.81 -34.37 -8.20
C ARG D 26 -1.46 -33.77 -6.97
N LEU D 27 -2.09 -32.61 -7.17
CA LEU D 27 -2.81 -31.92 -6.11
C LEU D 27 -1.95 -31.10 -5.16
N GLY D 28 -1.69 -29.86 -5.55
CA GLY D 28 -0.95 -28.98 -4.68
C GLY D 28 -2.09 -28.33 -3.93
N SER D 29 -2.92 -27.64 -4.69
CA SER D 29 -4.10 -26.98 -4.18
C SER D 29 -5.21 -27.97 -4.50
N ASN D 30 -6.46 -27.53 -4.46
CA ASN D 30 -7.58 -28.42 -4.78
C ASN D 30 -8.43 -27.81 -5.91
N LEU D 31 -8.00 -28.02 -7.16
CA LEU D 31 -8.67 -27.53 -8.36
C LEU D 31 -10.17 -27.55 -8.29
N SER D 32 -10.79 -26.63 -9.03
CA SER D 32 -12.23 -26.58 -9.08
C SER D 32 -12.63 -26.89 -10.51
N LEU D 33 -13.76 -27.57 -10.66
CA LEU D 33 -14.25 -27.89 -11.98
C LEU D 33 -15.75 -27.60 -12.09
N SER D 34 -16.18 -26.98 -13.19
CA SER D 34 -17.57 -26.63 -13.37
C SER D 34 -18.02 -26.64 -14.83
N MET D 35 -19.31 -26.89 -15.04
CA MET D 35 -19.92 -26.93 -16.38
C MET D 35 -20.59 -25.61 -16.79
N ALA D 36 -20.11 -25.00 -17.87
CA ALA D 36 -20.64 -23.72 -18.33
C ALA D 36 -21.47 -23.75 -19.61
N ARG D 37 -22.53 -22.95 -19.63
CA ARG D 37 -23.44 -22.87 -20.78
C ARG D 37 -23.98 -21.43 -21.01
N ARG D 38 -24.06 -21.02 -22.27
CA ARG D 38 -24.57 -19.69 -22.68
C ARG D 38 -25.98 -19.43 -22.21
N ASN D 39 -26.25 -18.18 -21.86
CA ASN D 39 -27.59 -17.77 -21.41
C ASN D 39 -28.34 -17.19 -22.61
N LEU D 40 -28.88 -18.11 -23.43
CA LEU D 40 -29.58 -17.75 -24.66
C LEU D 40 -31.08 -17.54 -24.48
N ASP D 41 -31.51 -17.41 -23.24
CA ASP D 41 -32.93 -17.22 -22.98
C ASP D 41 -33.20 -16.06 -22.05
N SER D 42 -32.12 -15.45 -21.56
CA SER D 42 -32.23 -14.34 -20.62
C SER D 42 -31.13 -13.33 -20.90
N LEU D 43 -31.08 -12.28 -20.10
CA LEU D 43 -30.04 -11.27 -20.25
C LEU D 43 -29.70 -10.59 -18.92
N GLU D 44 -30.35 -11.03 -17.86
CA GLU D 44 -30.10 -10.49 -16.50
C GLU D 44 -29.42 -11.57 -15.68
N ALA D 45 -29.64 -12.82 -16.05
CA ALA D 45 -29.00 -13.93 -15.37
C ALA D 45 -27.56 -13.86 -15.86
N ARG D 46 -26.70 -14.73 -15.35
CA ARG D 46 -25.31 -14.71 -15.77
C ARG D 46 -25.10 -14.95 -17.26
N ALA D 47 -24.05 -14.34 -17.80
CA ALA D 47 -23.73 -14.47 -19.21
C ALA D 47 -23.70 -15.94 -19.52
N PHE D 48 -22.91 -16.67 -18.74
CA PHE D 48 -22.78 -18.12 -18.88
C PHE D 48 -23.15 -18.76 -17.54
N GLN D 49 -23.95 -19.83 -17.62
CA GLN D 49 -24.39 -20.54 -16.43
C GLN D 49 -23.28 -21.47 -15.93
N SER D 50 -22.93 -21.36 -14.66
CA SER D 50 -21.89 -22.21 -14.09
C SER D 50 -22.44 -23.23 -13.13
N THR D 51 -22.31 -24.49 -13.50
CA THR D 51 -22.79 -25.59 -12.65
C THR D 51 -21.61 -26.40 -12.11
N PRO D 52 -21.15 -26.08 -10.89
CA PRO D 52 -20.01 -26.80 -10.30
C PRO D 52 -20.17 -28.31 -10.50
N ILE D 53 -19.07 -28.97 -10.84
CA ILE D 53 -19.08 -30.41 -11.09
C ILE D 53 -18.41 -31.29 -10.02
N VAL D 54 -19.17 -32.26 -9.52
CA VAL D 54 -18.72 -33.17 -8.47
C VAL D 54 -17.67 -34.19 -8.90
N VAL D 55 -16.44 -33.99 -8.44
CA VAL D 55 -15.33 -34.90 -8.75
C VAL D 55 -15.23 -35.95 -7.65
N GLN D 56 -15.54 -37.19 -8.02
CA GLN D 56 -15.50 -38.28 -7.04
C GLN D 56 -14.15 -39.02 -7.08
N MET D 57 -13.09 -38.27 -7.31
CA MET D 57 -11.74 -38.82 -7.37
C MET D 57 -11.42 -39.70 -6.15
N THR D 58 -10.44 -40.59 -6.32
CA THR D 58 -10.02 -41.51 -5.28
C THR D 58 -8.55 -41.32 -4.91
N LYS D 59 -8.22 -41.35 -3.62
CA LYS D 59 -6.83 -41.22 -3.21
C LYS D 59 -6.24 -42.63 -3.21
N LEU D 60 -4.99 -42.75 -3.65
CA LEU D 60 -4.37 -44.07 -3.73
C LEU D 60 -3.28 -44.41 -2.71
N ALA D 61 -3.12 -45.71 -2.45
CA ALA D 61 -2.11 -46.21 -1.51
C ALA D 61 -1.06 -47.05 -2.26
N THR D 62 -1.51 -47.92 -3.16
CA THR D 62 -0.59 -48.75 -3.93
C THR D 62 -0.69 -48.50 -5.45
N THR D 63 0.46 -48.34 -6.09
CA THR D 63 0.56 -48.06 -7.53
C THR D 63 0.07 -49.23 -8.39
N GLU D 64 -0.29 -50.33 -7.75
CA GLU D 64 -0.73 -51.50 -8.49
C GLU D 64 -2.15 -51.32 -8.97
N GLU D 65 -2.82 -50.34 -8.37
CA GLU D 65 -4.19 -50.03 -8.68
C GLU D 65 -4.34 -49.28 -10.02
N LEU D 66 -3.22 -48.82 -10.58
CA LEU D 66 -3.24 -48.06 -11.82
C LEU D 66 -3.18 -48.92 -13.08
N PRO D 67 -3.72 -48.41 -14.20
CA PRO D 67 -3.71 -49.11 -15.49
C PRO D 67 -2.38 -48.77 -16.12
N ASP D 68 -2.07 -49.42 -17.24
CA ASP D 68 -0.77 -49.19 -17.86
C ASP D 68 -0.51 -47.79 -18.39
N GLU D 69 -1.57 -47.09 -18.81
CA GLU D 69 -1.39 -45.73 -19.32
C GLU D 69 -2.45 -44.79 -18.81
N PHE D 70 -2.02 -43.58 -18.50
CA PHE D 70 -2.95 -42.58 -18.00
C PHE D 70 -2.23 -41.25 -18.06
N VAL D 71 -2.98 -40.19 -17.82
CA VAL D 71 -2.40 -38.87 -17.82
C VAL D 71 -2.32 -38.42 -16.37
N VAL D 72 -1.35 -37.57 -16.07
CA VAL D 72 -1.18 -37.07 -14.73
C VAL D 72 -1.16 -35.56 -14.68
N VAL D 73 -2.17 -35.01 -14.04
CA VAL D 73 -2.28 -33.58 -13.91
C VAL D 73 -1.38 -33.17 -12.79
N THR D 74 -0.16 -32.80 -13.14
CA THR D 74 0.77 -32.35 -12.13
C THR D 74 0.12 -31.05 -11.69
N ALA D 75 -0.54 -31.09 -10.54
CA ALA D 75 -1.22 -29.91 -10.00
C ALA D 75 -0.21 -28.78 -9.84
N LYS D 76 0.42 -28.43 -10.95
CA LYS D 76 1.44 -27.39 -11.01
C LYS D 76 0.78 -26.01 -11.14
N VAL E 1 17.99 -22.11 49.98
CA VAL E 1 18.01 -20.84 50.78
C VAL E 1 18.12 -19.65 49.81
N PRO E 2 17.77 -18.41 50.25
CA PRO E 2 17.82 -17.19 49.43
C PRO E 2 17.91 -17.33 47.89
N PRO E 3 16.81 -16.94 47.21
CA PRO E 3 16.42 -16.87 45.79
C PRO E 3 17.28 -17.44 44.65
N ALA E 4 16.62 -17.61 43.50
CA ALA E 4 17.27 -18.12 42.31
C ALA E 4 17.91 -16.92 41.65
N LEU E 5 19.01 -17.17 40.94
CA LEU E 5 19.74 -16.10 40.27
C LEU E 5 19.26 -15.87 38.86
N HIS E 6 18.86 -14.64 38.58
CA HIS E 6 18.37 -14.27 37.26
C HIS E 6 19.26 -13.25 36.59
N LEU E 7 19.87 -13.64 35.48
CA LEU E 7 20.74 -12.75 34.74
C LEU E 7 20.02 -11.82 33.76
N VAL E 8 20.04 -10.54 34.09
CA VAL E 8 19.44 -9.54 33.24
C VAL E 8 20.45 -9.26 32.14
N ASP E 9 20.14 -9.79 30.97
CA ASP E 9 20.95 -9.65 29.77
C ASP E 9 21.73 -8.35 29.71
N PRO E 10 22.71 -8.29 28.80
CA PRO E 10 23.58 -7.13 28.59
C PRO E 10 22.72 -5.94 28.19
N GLN E 11 21.76 -6.20 27.31
CA GLN E 11 20.80 -5.22 26.82
C GLN E 11 20.54 -4.16 27.89
N ILE E 12 20.50 -4.62 29.15
CA ILE E 12 20.26 -3.77 30.31
C ILE E 12 21.31 -4.01 31.39
N GLN E 13 21.98 -2.94 31.80
CA GLN E 13 23.00 -3.05 32.83
C GLN E 13 23.07 -1.79 33.64
N LEU E 14 23.61 -1.88 34.83
CA LEU E 14 23.72 -0.70 35.66
C LEU E 14 24.97 0.08 35.26
N THR E 15 24.99 1.37 35.59
CA THR E 15 26.13 2.24 35.28
C THR E 15 26.39 3.14 36.47
N ILE E 16 27.67 3.43 36.69
CA ILE E 16 28.03 4.27 37.82
C ILE E 16 28.86 5.47 37.40
N THR E 17 28.96 6.44 38.32
CA THR E 17 29.71 7.67 38.08
C THR E 17 31.06 7.38 37.41
N ASP E 18 31.03 7.33 36.07
CA ASP E 18 32.18 7.06 35.19
C ASP E 18 31.91 5.77 34.42
N PRO E 19 32.23 5.75 33.11
CA PRO E 19 32.03 4.58 32.26
C PRO E 19 32.32 3.19 32.86
N LYS E 20 31.46 2.74 33.75
CA LYS E 20 31.60 1.40 34.38
C LYS E 20 30.22 0.74 34.44
N VAL E 21 30.00 -0.22 33.54
CA VAL E 21 28.72 -0.93 33.45
C VAL E 21 28.78 -2.38 33.88
N TYR E 22 27.85 -2.74 34.75
CA TYR E 22 27.77 -4.10 35.28
C TYR E 22 26.43 -4.71 34.95
N PRO E 23 26.43 -5.94 34.43
CA PRO E 23 25.16 -6.59 34.10
C PRO E 23 24.45 -6.77 35.42
N ILE E 24 23.17 -7.07 35.36
CA ILE E 24 22.39 -7.16 36.58
C ILE E 24 21.92 -8.56 36.94
N ILE E 25 21.96 -8.85 38.24
CA ILE E 25 21.54 -10.14 38.79
C ILE E 25 20.44 -9.89 39.82
N LEU E 26 19.38 -10.69 39.76
CA LEU E 26 18.25 -10.51 40.64
C LEU E 26 17.93 -11.69 41.58
N ARG E 27 17.73 -11.37 42.85
CA ARG E 27 17.38 -12.36 43.86
C ARG E 27 15.90 -12.63 43.61
N LEU E 28 15.15 -11.53 43.56
CA LEU E 28 13.73 -11.55 43.32
C LEU E 28 12.94 -12.38 44.32
N GLY E 29 12.38 -11.67 45.29
CA GLY E 29 11.52 -12.30 46.27
C GLY E 29 10.18 -11.86 45.69
N SER E 30 10.24 -10.70 45.05
CA SER E 30 9.09 -10.07 44.39
C SER E 30 9.44 -10.10 42.91
N ASN E 31 8.45 -9.85 42.06
CA ASN E 31 8.72 -9.87 40.62
C ASN E 31 8.68 -8.48 39.98
N LEU E 32 9.59 -7.62 40.45
CA LEU E 32 9.75 -6.24 40.00
C LEU E 32 9.26 -5.87 38.59
N SER E 33 8.72 -4.66 38.50
CA SER E 33 8.23 -4.12 37.24
C SER E 33 9.05 -2.91 36.82
N LEU E 34 9.34 -2.82 35.53
CA LEU E 34 10.12 -1.70 35.05
C LEU E 34 9.43 -1.00 33.88
N SER E 35 9.44 0.33 33.91
CA SER E 35 8.80 1.09 32.85
C SER E 35 9.53 2.37 32.48
N MET E 36 9.47 2.71 31.20
CA MET E 36 10.10 3.91 30.70
C MET E 36 9.08 5.03 30.73
N ALA E 37 9.45 6.15 31.35
CA ALA E 37 8.57 7.30 31.44
C ALA E 37 9.09 8.48 30.60
N ARG E 38 8.15 9.31 30.11
CA ARG E 38 8.46 10.49 29.27
C ARG E 38 7.44 11.62 29.48
N ARG E 39 7.89 12.87 29.43
CA ARG E 39 7.00 14.04 29.61
C ARG E 39 6.04 14.23 28.44
N ASN E 40 4.79 14.56 28.77
CA ASN E 40 3.79 14.81 27.73
C ASN E 40 3.91 16.28 27.39
N LEU E 41 4.87 16.59 26.52
CA LEU E 41 5.13 17.97 26.12
C LEU E 41 4.38 18.47 24.91
N ASP E 42 3.30 17.79 24.52
CA ASP E 42 2.54 18.22 23.34
C ASP E 42 1.02 18.27 23.56
N SER E 43 0.61 18.02 24.79
CA SER E 43 -0.79 18.02 25.14
C SER E 43 -0.92 18.47 26.58
N LEU E 44 -2.15 18.56 27.05
CA LEU E 44 -2.42 18.98 28.40
C LEU E 44 -3.60 18.20 28.95
N GLU E 45 -4.12 17.34 28.09
CA GLU E 45 -5.24 16.47 28.40
C GLU E 45 -4.64 15.08 28.49
N ALA E 46 -3.39 14.98 28.04
CA ALA E 46 -2.64 13.74 28.07
C ALA E 46 -1.91 13.64 29.40
N ARG E 47 -1.69 12.40 29.84
CA ARG E 47 -0.99 12.11 31.09
C ARG E 47 0.30 12.91 31.15
N ALA E 48 0.59 13.48 32.32
CA ALA E 48 1.82 14.24 32.50
C ALA E 48 2.98 13.47 31.84
N PHE E 49 3.19 12.22 32.31
CA PHE E 49 4.24 11.34 31.81
C PHE E 49 3.68 10.07 31.13
N GLN E 50 4.33 9.61 30.04
CA GLN E 50 3.93 8.39 29.31
C GLN E 50 4.72 7.15 29.77
N SER E 51 4.09 6.27 30.54
CA SER E 51 4.76 5.06 31.03
C SER E 51 4.66 3.86 30.09
N THR E 52 5.78 3.50 29.48
CA THR E 52 5.82 2.38 28.56
C THR E 52 6.54 1.20 29.22
N PRO E 53 5.78 0.30 29.89
CA PRO E 53 6.42 -0.85 30.53
C PRO E 53 7.54 -1.42 29.66
N ILE E 54 8.64 -1.82 30.32
CA ILE E 54 9.83 -2.33 29.63
C ILE E 54 10.06 -3.85 29.76
N VAL E 55 10.43 -4.48 28.64
CA VAL E 55 10.67 -5.92 28.57
C VAL E 55 12.06 -6.39 28.99
N VAL E 56 12.13 -7.01 30.16
CA VAL E 56 13.40 -7.51 30.68
C VAL E 56 13.57 -8.97 30.26
N GLN E 57 14.58 -9.24 29.45
CA GLN E 57 14.80 -10.60 28.99
C GLN E 57 15.73 -11.38 29.92
N MET E 58 15.62 -11.11 31.20
CA MET E 58 16.43 -11.78 32.22
C MET E 58 16.39 -13.30 32.13
N THR E 59 17.53 -13.92 32.43
CA THR E 59 17.69 -15.38 32.37
C THR E 59 17.86 -16.02 33.75
N LYS E 60 17.26 -17.19 33.94
CA LYS E 60 17.40 -17.90 35.22
C LYS E 60 18.65 -18.76 35.16
N LEU E 61 19.46 -18.71 36.22
CA LEU E 61 20.71 -19.46 36.27
C LEU E 61 20.74 -20.79 37.04
N ALA E 62 21.52 -21.74 36.52
CA ALA E 62 21.70 -23.05 37.13
C ALA E 62 23.06 -23.08 37.79
N THR E 63 24.08 -22.71 37.03
CA THR E 63 25.45 -22.72 37.55
C THR E 63 26.04 -21.33 37.74
N THR E 64 26.80 -21.19 38.81
CA THR E 64 27.46 -19.95 39.15
C THR E 64 28.63 -19.68 38.21
N GLU E 65 28.93 -20.63 37.33
CA GLU E 65 30.06 -20.47 36.42
C GLU E 65 29.70 -19.65 35.19
N GLU E 66 28.41 -19.53 34.93
CA GLU E 66 27.94 -18.76 33.78
C GLU E 66 28.19 -17.26 33.99
N LEU E 67 28.39 -16.87 35.25
CA LEU E 67 28.62 -15.49 35.60
C LEU E 67 30.07 -15.05 35.38
N PRO E 68 30.34 -13.74 35.50
CA PRO E 68 31.66 -13.13 35.35
C PRO E 68 32.12 -12.69 36.74
N ASP E 69 33.31 -12.10 36.82
CA ASP E 69 33.88 -11.69 38.09
C ASP E 69 33.26 -10.46 38.79
N GLU E 70 32.85 -9.46 38.01
CA GLU E 70 32.28 -8.23 38.55
C GLU E 70 30.87 -7.88 38.04
N PHE E 71 29.89 -7.89 38.93
CA PHE E 71 28.50 -7.59 38.57
C PHE E 71 27.67 -7.09 39.77
N VAL E 72 26.54 -6.43 39.48
CA VAL E 72 25.69 -5.90 40.53
C VAL E 72 24.49 -6.80 40.82
N VAL E 73 24.21 -6.99 42.11
CA VAL E 73 23.12 -7.85 42.51
C VAL E 73 22.01 -7.14 43.24
N VAL E 74 20.86 -7.04 42.58
CA VAL E 74 19.72 -6.39 43.15
C VAL E 74 19.00 -7.36 44.05
N THR E 75 19.37 -7.37 45.31
CA THR E 75 18.71 -8.25 46.26
C THR E 75 17.26 -7.77 46.34
N ALA E 76 16.40 -8.38 45.55
CA ALA E 76 14.99 -7.99 45.52
C ALA E 76 14.31 -8.42 46.81
N LYS E 77 14.87 -7.96 47.93
CA LYS E 77 14.34 -8.29 49.24
C LYS E 77 13.26 -7.27 49.62
N PRO F 1 1.76 8.55 45.47
CA PRO F 1 1.84 7.42 46.44
C PRO F 1 2.00 6.05 45.76
N PRO F 2 3.11 5.33 46.05
CA PRO F 2 4.21 5.66 46.96
C PRO F 2 5.04 6.83 46.46
N ALA F 3 5.78 7.46 47.37
CA ALA F 3 6.62 8.59 47.03
C ALA F 3 7.56 8.21 45.90
N LEU F 4 7.79 9.14 44.98
CA LEU F 4 8.70 8.86 43.89
C LEU F 4 10.11 9.16 44.35
N HIS F 5 11.00 8.18 44.16
CA HIS F 5 12.37 8.37 44.57
C HIS F 5 13.29 8.45 43.38
N LEU F 6 14.15 9.46 43.41
CA LEU F 6 15.11 9.72 42.37
C LEU F 6 16.49 9.14 42.73
N VAL F 7 16.91 8.15 41.97
CA VAL F 7 18.20 7.55 42.21
C VAL F 7 19.25 8.34 41.44
N ASP F 8 20.00 9.16 42.17
CA ASP F 8 21.06 10.02 41.65
C ASP F 8 21.77 9.54 40.39
N PRO F 9 22.29 10.50 39.58
CA PRO F 9 23.00 10.19 38.33
C PRO F 9 24.16 9.21 38.49
N GLN F 10 24.61 9.06 39.73
CA GLN F 10 25.68 8.16 40.08
C GLN F 10 25.38 6.74 39.56
N ILE F 11 24.14 6.30 39.78
CA ILE F 11 23.67 4.98 39.36
C ILE F 11 22.54 5.13 38.36
N GLN F 12 22.72 4.60 37.16
CA GLN F 12 21.67 4.70 36.17
C GLN F 12 21.61 3.45 35.34
N LEU F 13 20.48 3.23 34.69
CA LEU F 13 20.32 2.07 33.84
C LEU F 13 20.84 2.37 32.45
N THR F 14 21.10 1.33 31.68
CA THR F 14 21.62 1.47 30.33
C THR F 14 20.99 0.44 29.41
N ILE F 15 20.49 0.90 28.26
CA ILE F 15 19.85 0.00 27.31
C ILE F 15 20.58 -0.10 25.98
N THR F 16 20.71 -1.32 25.49
CA THR F 16 21.38 -1.61 24.23
C THR F 16 21.49 -0.36 23.34
N ASP F 17 22.70 0.21 23.33
CA ASP F 17 23.08 1.43 22.58
C ASP F 17 23.11 2.61 23.55
N PRO F 18 24.31 3.12 23.89
CA PRO F 18 24.51 4.25 24.80
C PRO F 18 23.26 5.03 25.18
N LYS F 19 22.42 4.40 25.99
CA LYS F 19 21.18 4.99 26.48
C LYS F 19 21.21 4.82 27.98
N VAL F 20 21.33 5.95 28.67
CA VAL F 20 21.38 5.95 30.12
C VAL F 20 20.26 6.79 30.70
N TYR F 21 19.40 6.14 31.50
CA TYR F 21 18.26 6.82 32.10
C TYR F 21 18.31 6.81 33.61
N PRO F 22 18.12 7.99 34.23
CA PRO F 22 18.15 8.04 35.70
C PRO F 22 17.14 7.04 36.24
N ILE F 23 17.15 6.83 37.55
CA ILE F 23 16.24 5.85 38.10
C ILE F 23 15.22 6.40 39.09
N ILE F 24 13.95 6.06 38.88
CA ILE F 24 12.89 6.50 39.77
C ILE F 24 12.27 5.30 40.42
N LEU F 25 12.00 5.41 41.71
CA LEU F 25 11.47 4.28 42.44
C LEU F 25 10.09 4.50 43.02
N ARG F 26 9.16 3.61 42.65
CA ARG F 26 7.80 3.65 43.17
C ARG F 26 8.00 3.32 44.62
N LEU F 27 8.74 2.24 44.86
CA LEU F 27 9.06 1.78 46.20
C LEU F 27 7.87 1.32 47.03
N GLY F 28 7.75 0.00 47.15
CA GLY F 28 6.70 -0.57 47.96
C GLY F 28 7.45 -1.03 49.17
N SER F 29 8.46 -1.86 48.91
CA SER F 29 9.32 -2.42 49.93
C SER F 29 10.58 -1.56 49.92
N ASN F 30 11.72 -2.12 50.30
CA ASN F 30 12.97 -1.37 50.28
C ASN F 30 14.11 -2.23 49.72
N LEU F 31 14.16 -2.30 48.40
CA LEU F 31 15.17 -3.07 47.67
C LEU F 31 16.56 -2.92 48.22
N SER F 32 17.33 -3.98 48.03
CA SER F 32 18.70 -3.97 48.48
C SER F 32 19.56 -4.15 47.23
N LEU F 33 20.68 -3.46 47.20
CA LEU F 33 21.59 -3.58 46.08
C LEU F 33 22.99 -3.83 46.62
N SER F 34 23.77 -4.64 45.93
CA SER F 34 25.10 -4.95 46.37
C SER F 34 26.00 -5.32 45.21
N MET F 35 27.32 -5.23 45.44
CA MET F 35 28.33 -5.54 44.42
C MET F 35 29.01 -6.88 44.73
N ALA F 36 29.05 -7.76 43.73
CA ALA F 36 29.65 -9.06 43.94
C ALA F 36 30.82 -9.33 43.00
N ARG F 37 31.75 -10.17 43.46
CA ARG F 37 32.93 -10.55 42.68
C ARG F 37 33.38 -11.97 43.02
N ARG F 38 33.88 -12.68 42.02
CA ARG F 38 34.39 -14.06 42.19
C ARG F 38 35.54 -14.13 43.21
N ASN F 39 35.57 -15.20 44.00
CA ASN F 39 36.62 -15.41 44.99
C ASN F 39 37.68 -16.32 44.37
N LEU F 40 38.52 -15.72 43.52
CA LEU F 40 39.58 -16.41 42.79
C LEU F 40 40.90 -16.50 43.50
N ASP F 41 40.93 -16.24 44.80
CA ASP F 41 42.19 -16.30 45.52
C ASP F 41 41.99 -17.09 46.79
N SER F 42 40.72 -17.42 47.06
CA SER F 42 40.35 -18.15 48.25
C SER F 42 39.29 -19.20 47.88
N LEU F 43 39.23 -20.28 48.65
CA LEU F 43 38.27 -21.34 48.39
C LEU F 43 37.41 -21.60 49.62
N GLU F 44 37.92 -21.26 50.79
CA GLU F 44 37.16 -21.42 52.02
C GLU F 44 36.25 -20.19 52.13
N ALA F 45 36.74 -19.08 51.58
CA ALA F 45 36.01 -17.81 51.60
C ALA F 45 34.71 -17.91 50.81
N ARG F 46 33.83 -16.93 50.99
CA ARG F 46 32.55 -16.89 50.28
C ARG F 46 32.76 -17.05 48.78
N ALA F 47 31.92 -17.88 48.17
CA ALA F 47 32.03 -18.12 46.75
C ALA F 47 32.22 -16.79 46.04
N PHE F 48 31.40 -15.80 46.42
CA PHE F 48 31.45 -14.45 45.85
C PHE F 48 31.39 -13.34 46.90
N GLN F 49 32.19 -12.31 46.68
CA GLN F 49 32.30 -11.16 47.56
C GLN F 49 31.13 -10.20 47.41
N SER F 50 30.24 -10.19 48.39
CA SER F 50 29.09 -9.30 48.36
C SER F 50 29.37 -8.04 49.15
N THR F 51 29.46 -6.93 48.43
CA THR F 51 29.72 -5.65 49.04
C THR F 51 28.49 -4.77 48.87
N PRO F 52 27.63 -4.71 49.91
CA PRO F 52 26.43 -3.89 49.81
C PRO F 52 26.71 -2.51 49.18
N ILE F 53 25.79 -2.04 48.33
CA ILE F 53 25.95 -0.74 47.64
C ILE F 53 25.05 0.38 48.17
N VAL F 54 25.69 1.49 48.54
CA VAL F 54 24.99 2.65 49.08
C VAL F 54 24.24 3.45 48.03
N VAL F 55 22.92 3.37 48.07
CA VAL F 55 22.08 4.09 47.13
C VAL F 55 21.68 5.39 47.82
N GLN F 56 22.09 6.51 47.23
CA GLN F 56 21.80 7.83 47.80
C GLN F 56 20.59 8.50 47.13
N MET F 57 19.60 7.69 46.76
CA MET F 57 18.38 8.15 46.11
C MET F 57 17.72 9.32 46.84
N THR F 58 16.98 10.13 46.09
CA THR F 58 16.27 11.30 46.62
C THR F 58 14.74 11.11 46.51
N LYS F 59 14.01 11.55 47.53
CA LYS F 59 12.55 11.44 47.50
C LYS F 59 12.06 12.73 46.85
N LEU F 60 10.97 12.66 46.07
CA LEU F 60 10.49 13.85 45.39
C LEU F 60 9.16 14.43 45.85
N ALA F 61 9.07 15.75 45.72
CA ALA F 61 7.87 16.50 46.07
C ALA F 61 7.17 16.90 44.77
N THR F 62 7.88 17.62 43.90
CA THR F 62 7.34 18.08 42.62
C THR F 62 7.90 17.35 41.40
N THR F 63 6.98 16.91 40.55
CA THR F 63 7.30 16.19 39.35
C THR F 63 8.11 17.05 38.37
N GLU F 64 8.24 18.33 38.66
CA GLU F 64 8.99 19.23 37.78
C GLU F 64 10.49 19.00 37.90
N GLU F 65 10.89 18.31 38.97
CA GLU F 65 12.28 18.01 39.24
C GLU F 65 12.84 16.90 38.35
N LEU F 66 11.94 16.12 37.77
CA LEU F 66 12.32 14.99 36.92
C LEU F 66 12.84 15.32 35.54
N PRO F 67 13.44 14.33 34.89
CA PRO F 67 14.00 14.43 33.55
C PRO F 67 12.90 14.03 32.59
N ASP F 68 13.00 14.45 31.34
CA ASP F 68 11.99 14.14 30.33
C ASP F 68 11.81 12.64 30.22
N GLU F 69 12.92 11.94 30.00
CA GLU F 69 12.89 10.49 29.90
C GLU F 69 13.71 9.85 31.01
N PHE F 70 13.09 8.90 31.69
CA PHE F 70 13.72 8.15 32.77
C PHE F 70 12.94 6.84 32.91
N VAL F 71 13.55 5.86 33.57
CA VAL F 71 12.90 4.58 33.74
C VAL F 71 12.33 4.51 35.13
N VAL F 72 11.22 3.79 35.27
CA VAL F 72 10.61 3.68 36.57
C VAL F 72 10.48 2.25 37.00
N VAL F 73 11.20 1.95 38.08
CA VAL F 73 11.22 0.63 38.68
C VAL F 73 9.99 0.51 39.57
N THR F 74 8.87 0.08 38.99
CA THR F 74 7.69 -0.06 39.81
C THR F 74 8.01 -1.15 40.81
N ALA F 75 8.20 -0.70 42.05
CA ALA F 75 8.53 -1.57 43.16
C ALA F 75 7.40 -2.54 43.39
N LYS F 76 6.91 -3.12 42.29
CA LYS F 76 5.84 -4.08 42.36
C LYS F 76 6.51 -5.43 42.54
N VAL G 1 -5.06 16.03 -10.56
CA VAL G 1 -5.04 16.95 -11.73
C VAL G 1 -5.06 16.16 -13.05
N PRO G 2 -6.24 15.58 -13.38
CA PRO G 2 -6.51 14.79 -14.59
C PRO G 2 -6.76 15.46 -15.97
N PRO G 3 -6.53 16.78 -16.10
CA PRO G 3 -6.79 17.35 -17.45
C PRO G 3 -5.75 16.94 -18.49
N ALA G 4 -6.22 16.57 -19.68
CA ALA G 4 -5.34 16.11 -20.76
C ALA G 4 -4.50 17.20 -21.40
N LEU G 5 -3.53 16.75 -22.18
CA LEU G 5 -2.66 17.68 -22.87
C LEU G 5 -3.19 17.82 -24.27
N HIS G 6 -3.43 19.07 -24.67
CA HIS G 6 -3.92 19.36 -26.00
C HIS G 6 -2.98 20.29 -26.69
N LEU G 7 -2.39 19.80 -27.77
CA LEU G 7 -1.46 20.60 -28.54
C LEU G 7 -2.19 21.45 -29.54
N VAL G 8 -2.02 22.76 -29.38
CA VAL G 8 -2.63 23.70 -30.29
C VAL G 8 -1.72 23.95 -31.47
N ASP G 9 -2.13 23.38 -32.60
CA ASP G 9 -1.44 23.46 -33.87
C ASP G 9 -0.58 24.68 -34.04
N PRO G 10 0.38 24.62 -34.97
CA PRO G 10 1.31 25.70 -35.30
C PRO G 10 0.51 26.90 -35.75
N GLN G 11 -0.51 26.61 -36.54
CA GLN G 11 -1.43 27.61 -37.06
C GLN G 11 -1.52 28.78 -36.07
N ILE G 12 -1.74 28.41 -34.81
CA ILE G 12 -1.88 29.36 -33.72
C ILE G 12 -0.77 29.18 -32.71
N GLN G 13 -0.13 30.27 -32.34
CA GLN G 13 0.93 30.18 -31.36
C GLN G 13 1.05 31.48 -30.60
N LEU G 14 1.74 31.42 -29.47
CA LEU G 14 1.95 32.61 -28.66
C LEU G 14 3.24 33.27 -29.06
N THR G 15 3.30 34.59 -28.89
CA THR G 15 4.49 35.34 -29.26
C THR G 15 4.85 36.29 -28.14
N ILE G 16 6.14 36.59 -28.03
CA ILE G 16 6.62 37.46 -26.98
C ILE G 16 7.47 38.62 -27.47
N THR G 17 7.77 39.54 -26.55
CA THR G 17 8.58 40.72 -26.81
C THR G 17 9.90 40.35 -27.52
N ASP G 18 9.77 40.16 -28.84
CA ASP G 18 10.82 39.78 -29.81
C ASP G 18 10.30 38.50 -30.47
N PRO G 19 10.23 38.49 -31.81
CA PRO G 19 9.76 37.40 -32.66
C PRO G 19 9.93 35.93 -32.24
N LYS G 20 9.76 35.63 -30.95
CA LYS G 20 9.88 34.26 -30.49
C LYS G 20 8.45 33.73 -30.38
N VAL G 21 8.24 32.52 -30.88
CA VAL G 21 6.90 31.93 -30.89
C VAL G 21 6.91 30.52 -30.29
N TYR G 22 5.92 30.22 -29.46
CA TYR G 22 5.84 28.91 -28.84
C TYR G 22 4.49 28.27 -29.08
N PRO G 23 4.44 27.01 -29.53
CA PRO G 23 3.15 26.39 -29.76
C PRO G 23 2.47 26.30 -28.40
N ILE G 24 1.17 26.13 -28.42
CA ILE G 24 0.45 26.14 -27.18
C ILE G 24 -0.06 24.77 -26.73
N ILE G 25 -0.03 24.55 -25.42
CA ILE G 25 -0.51 23.31 -24.82
C ILE G 25 -1.58 23.63 -23.79
N LEU G 26 -2.65 22.85 -23.77
CA LEU G 26 -3.72 23.16 -22.84
C LEU G 26 -4.05 22.08 -21.84
N ARG G 27 -4.17 22.52 -20.58
CA ARG G 27 -4.51 21.67 -19.46
C ARG G 27 -6.00 21.95 -19.29
N LEU G 28 -6.68 22.07 -20.41
CA LEU G 28 -8.10 22.37 -20.43
C LEU G 28 -8.87 21.81 -19.24
N GLY G 29 -9.43 22.72 -18.46
CA GLY G 29 -10.25 22.34 -17.32
C GLY G 29 -11.65 22.66 -17.77
N SER G 30 -11.73 23.68 -18.61
CA SER G 30 -12.97 24.15 -19.19
C SER G 30 -12.79 23.86 -20.68
N ASN G 31 -13.54 24.55 -21.53
CA ASN G 31 -13.42 24.35 -22.97
C ASN G 31 -13.32 25.75 -23.60
N LEU G 32 -12.29 26.49 -23.18
CA LEU G 32 -12.02 27.85 -23.66
C LEU G 32 -12.49 28.17 -25.07
N SER G 33 -13.12 29.34 -25.21
CA SER G 33 -13.60 29.80 -26.51
C SER G 33 -12.73 30.95 -26.99
N LEU G 34 -12.48 30.98 -28.30
CA LEU G 34 -11.68 32.05 -28.85
C LEU G 34 -12.37 32.65 -30.06
N SER G 35 -12.37 33.98 -30.12
CA SER G 35 -12.99 34.69 -31.24
C SER G 35 -12.18 35.93 -31.61
N MET G 36 -12.24 36.27 -32.89
CA MET G 36 -11.55 37.43 -33.45
C MET G 36 -12.53 38.59 -33.52
N ALA G 37 -12.17 39.73 -32.95
CA ALA G 37 -13.03 40.90 -32.96
C ALA G 37 -12.49 42.00 -33.86
N ARG G 38 -13.40 42.88 -34.30
CA ARG G 38 -13.05 44.00 -35.18
C ARG G 38 -14.05 45.17 -35.01
N ARG G 39 -13.53 46.40 -35.02
CA ARG G 39 -14.37 47.60 -34.89
C ARG G 39 -15.31 47.73 -36.07
N ASN G 40 -16.53 48.17 -35.80
CA ASN G 40 -17.49 48.38 -36.87
C ASN G 40 -17.37 49.85 -37.26
N LEU G 41 -16.40 50.14 -38.13
CA LEU G 41 -16.15 51.51 -38.55
C LEU G 41 -16.91 52.03 -39.75
N ASP G 42 -17.94 51.32 -40.15
CA ASP G 42 -18.68 51.74 -41.32
C ASP G 42 -20.17 51.82 -41.05
N SER G 43 -20.53 51.72 -39.78
CA SER G 43 -21.93 51.76 -39.43
C SER G 43 -22.11 52.20 -37.99
N LEU G 44 -23.33 52.57 -37.65
CA LEU G 44 -23.63 53.01 -36.30
C LEU G 44 -24.73 52.16 -35.68
N GLU G 45 -25.26 51.24 -36.49
CA GLU G 45 -26.31 50.35 -36.04
C GLU G 45 -25.76 48.94 -35.88
N ALA G 46 -24.56 48.72 -36.41
CA ALA G 46 -23.90 47.43 -36.33
C ALA G 46 -23.23 47.28 -34.96
N ARG G 47 -23.03 46.03 -34.53
CA ARG G 47 -22.43 45.73 -33.24
C ARG G 47 -21.05 46.36 -33.09
N ALA G 48 -20.87 47.05 -31.96
CA ALA G 48 -19.62 47.74 -31.61
C ALA G 48 -18.44 47.00 -32.22
N PHE G 49 -18.39 45.70 -31.95
CA PHE G 49 -17.34 44.83 -32.47
C PHE G 49 -17.89 43.57 -33.10
N GLN G 50 -17.43 43.24 -34.30
CA GLN G 50 -17.86 42.04 -35.01
C GLN G 50 -17.10 40.79 -34.55
N SER G 51 -17.65 40.08 -33.59
CA SER G 51 -17.03 38.87 -33.04
C SER G 51 -17.20 37.63 -33.91
N THR G 52 -16.10 37.14 -34.46
CA THR G 52 -16.14 35.95 -35.30
C THR G 52 -15.44 34.81 -34.58
N PRO G 53 -16.20 33.91 -33.94
CA PRO G 53 -15.61 32.78 -33.23
C PRO G 53 -14.48 32.13 -34.05
N ILE G 54 -13.37 31.79 -33.39
CA ILE G 54 -12.21 31.19 -34.07
C ILE G 54 -12.01 29.69 -33.84
N VAL G 55 -11.75 28.98 -34.95
CA VAL G 55 -11.55 27.53 -34.95
C VAL G 55 -10.15 27.04 -34.60
N VAL G 56 -10.04 26.49 -33.39
CA VAL G 56 -8.79 25.96 -32.89
C VAL G 56 -8.74 24.48 -33.24
N GLN G 57 -7.77 24.09 -34.07
CA GLN G 57 -7.68 22.69 -34.46
C GLN G 57 -6.80 21.87 -33.53
N MET G 58 -6.83 22.20 -32.24
CA MET G 58 -6.01 21.50 -31.24
C MET G 58 -6.16 19.98 -31.22
N THR G 59 -5.03 19.32 -30.96
CA THR G 59 -4.90 17.87 -30.90
C THR G 59 -4.77 17.37 -29.46
N LYS G 60 -5.33 16.20 -29.17
CA LYS G 60 -5.20 15.63 -27.83
C LYS G 60 -3.99 14.70 -27.89
N LEU G 61 -3.14 14.73 -26.88
CA LEU G 61 -1.95 13.87 -26.90
C LEU G 61 -2.03 12.64 -26.03
N ALA G 62 -1.31 11.61 -26.46
CA ALA G 62 -1.24 10.34 -25.75
C ALA G 62 0.16 10.22 -25.13
N THR G 63 1.18 10.65 -25.89
CA THR G 63 2.57 10.62 -25.41
C THR G 63 3.22 12.00 -25.30
N THR G 64 4.11 12.13 -24.32
CA THR G 64 4.83 13.37 -24.06
C THR G 64 5.98 13.56 -25.06
N GLU G 65 6.21 12.55 -25.90
CA GLU G 65 7.30 12.59 -26.86
C GLU G 65 6.95 13.35 -28.13
N GLU G 66 5.67 13.49 -28.40
CA GLU G 66 5.21 14.21 -29.58
C GLU G 66 5.53 15.70 -29.45
N LEU G 67 5.77 16.14 -28.23
CA LEU G 67 6.06 17.54 -27.95
C LEU G 67 7.46 18.00 -28.36
N PRO G 68 7.68 19.33 -28.37
CA PRO G 68 8.95 19.98 -28.71
C PRO G 68 9.67 20.24 -27.40
N ASP G 69 10.86 20.84 -27.46
CA ASP G 69 11.59 21.09 -26.22
C ASP G 69 11.15 22.33 -25.45
N GLU G 70 10.69 23.36 -26.16
CA GLU G 70 10.21 24.60 -25.51
C GLU G 70 8.84 25.02 -26.02
N PHE G 71 7.90 25.25 -25.12
CA PHE G 71 6.55 25.63 -25.50
C PHE G 71 5.84 26.21 -24.28
N VAL G 72 4.68 26.80 -24.49
CA VAL G 72 3.93 27.39 -23.39
C VAL G 72 2.74 26.55 -23.04
N VAL G 73 2.43 26.51 -21.75
CA VAL G 73 1.32 25.71 -21.25
C VAL G 73 0.25 26.49 -20.51
N VAL G 74 -0.89 26.64 -21.19
CA VAL G 74 -2.00 27.36 -20.60
C VAL G 74 -2.72 26.45 -19.63
N THR G 75 -2.34 26.55 -18.37
CA THR G 75 -2.98 25.76 -17.34
C THR G 75 -4.39 26.32 -17.23
N ALA G 76 -5.32 25.69 -17.93
CA ALA G 76 -6.72 26.09 -17.93
C ALA G 76 -7.34 25.87 -16.55
N LYS G 77 -6.63 26.30 -15.52
CA LYS G 77 -7.10 26.16 -14.15
C LYS G 77 -7.98 27.36 -13.78
N PRO H 1 -18.74 36.94 -14.08
CA PRO H 1 -17.71 37.62 -14.92
C PRO H 1 -18.28 37.95 -16.32
N PRO H 2 -17.46 38.52 -17.21
CA PRO H 2 -16.06 38.88 -17.00
C PRO H 2 -15.76 40.34 -17.36
N ALA H 3 -14.69 40.86 -16.77
CA ALA H 3 -14.25 42.23 -17.03
C ALA H 3 -13.19 42.11 -18.12
N LEU H 4 -13.26 42.95 -19.13
CA LEU H 4 -12.27 42.87 -20.21
C LEU H 4 -10.86 43.18 -19.73
N HIS H 5 -9.95 42.24 -20.00
CA HIS H 5 -8.55 42.34 -19.61
C HIS H 5 -7.60 42.32 -20.80
N LEU H 6 -6.88 43.42 -20.95
CA LEU H 6 -5.93 43.58 -22.03
C LEU H 6 -4.54 42.96 -21.75
N VAL H 7 -4.17 41.94 -22.52
CA VAL H 7 -2.88 41.26 -22.38
C VAL H 7 -1.80 42.00 -23.16
N ASP H 8 -0.91 42.68 -22.43
CA ASP H 8 0.17 43.47 -23.02
C ASP H 8 0.74 42.93 -24.30
N PRO H 9 1.24 43.82 -25.17
CA PRO H 9 1.83 43.51 -26.48
C PRO H 9 2.96 42.51 -26.29
N GLN H 10 3.48 42.47 -25.07
CA GLN H 10 4.56 41.58 -24.70
C GLN H 10 4.14 40.17 -25.13
N ILE H 11 2.87 39.87 -24.94
CA ILE H 11 2.31 38.57 -25.29
C ILE H 11 1.18 38.74 -26.28
N GLN H 12 1.24 38.02 -27.39
CA GLN H 12 0.18 38.14 -28.35
C GLN H 12 0.07 36.89 -29.16
N LEU H 13 -1.13 36.64 -29.66
CA LEU H 13 -1.33 35.47 -30.48
C LEU H 13 -0.74 35.67 -31.86
N THR H 14 -0.59 34.57 -32.59
CA THR H 14 -0.05 34.59 -33.93
C THR H 14 -0.75 33.56 -34.78
N ILE H 15 -1.44 34.07 -35.78
CA ILE H 15 -2.16 33.22 -36.72
C ILE H 15 -1.16 33.03 -37.86
N THR H 16 -1.20 31.88 -38.52
CA THR H 16 -0.29 31.63 -39.63
C THR H 16 -0.02 32.93 -40.39
N ASP H 17 1.23 33.16 -40.78
CA ASP H 17 1.66 34.38 -41.50
C ASP H 17 1.66 35.56 -40.52
N PRO H 18 2.73 35.70 -39.72
CA PRO H 18 2.86 36.77 -38.73
C PRO H 18 1.66 37.68 -38.53
N LYS H 19 0.53 37.07 -38.18
CA LYS H 19 -0.71 37.78 -37.90
C LYS H 19 -0.76 37.83 -36.38
N VAL H 20 -0.25 38.91 -35.82
CA VAL H 20 -0.18 39.06 -34.38
C VAL H 20 -1.27 39.94 -33.81
N TYR H 21 -2.14 39.35 -33.01
CA TYR H 21 -3.22 40.10 -32.42
C TYR H 21 -3.11 40.12 -30.92
N PRO H 22 -3.24 41.31 -30.31
CA PRO H 22 -3.16 41.40 -28.85
C PRO H 22 -4.20 40.46 -28.27
N ILE H 23 -4.14 40.23 -26.96
CA ILE H 23 -5.06 39.28 -26.38
C ILE H 23 -5.98 39.88 -25.33
N ILE H 24 -7.29 39.64 -25.47
CA ILE H 24 -8.26 40.12 -24.50
C ILE H 24 -8.85 38.94 -23.78
N LEU H 25 -9.12 39.10 -22.49
CA LEU H 25 -9.63 37.99 -21.72
C LEU H 25 -10.96 38.21 -21.04
N ARG H 26 -11.88 37.28 -21.30
CA ARG H 26 -13.19 37.32 -20.69
C ARG H 26 -13.12 36.39 -19.50
N LEU H 27 -12.09 36.59 -18.70
CA LEU H 27 -11.83 35.78 -17.51
C LEU H 27 -13.07 35.39 -16.70
N GLY H 28 -13.49 34.13 -16.85
CA GLY H 28 -14.61 33.63 -16.08
C GLY H 28 -13.90 33.00 -14.91
N SER H 29 -12.88 32.22 -15.27
CA SER H 29 -12.02 31.55 -14.32
C SER H 29 -10.70 32.32 -14.40
N ASN H 30 -9.62 31.75 -13.87
CA ASN H 30 -8.34 32.45 -13.93
C ASN H 30 -7.22 31.56 -14.44
N LEU H 31 -7.03 31.61 -15.75
CA LEU H 31 -6.01 30.82 -16.42
C LEU H 31 -4.61 31.01 -15.84
N SER H 32 -3.84 29.95 -15.97
CA SER H 32 -2.48 29.94 -15.51
C SER H 32 -1.66 29.68 -16.75
N LEU H 33 -0.49 30.30 -16.83
CA LEU H 33 0.36 30.07 -17.97
C LEU H 33 1.81 29.77 -17.55
N SER H 34 2.44 28.82 -18.24
CA SER H 34 3.82 28.47 -17.90
C SER H 34 4.65 28.07 -19.12
N MET H 35 5.95 28.29 -19.01
CA MET H 35 6.89 27.98 -20.08
C MET H 35 7.51 26.62 -19.77
N ALA H 36 7.56 25.73 -20.77
CA ALA H 36 8.13 24.39 -20.58
C ALA H 36 9.29 24.03 -21.50
N ARG H 37 10.22 23.20 -21.00
CA ARG H 37 11.37 22.74 -21.78
C ARG H 37 11.82 21.33 -21.37
N ARG H 38 12.29 20.56 -22.37
CA ARG H 38 12.76 19.19 -22.15
C ARG H 38 13.99 19.10 -21.25
N ASN H 39 13.96 18.12 -20.35
CA ASN H 39 15.06 17.90 -19.45
C ASN H 39 16.02 16.94 -20.16
N LEU H 40 16.85 17.49 -21.04
CA LEU H 40 17.79 16.71 -21.83
C LEU H 40 19.17 16.51 -21.19
N ASP H 41 19.36 17.02 -19.98
CA ASP H 41 20.64 16.89 -19.31
C ASP H 41 20.49 16.07 -18.05
N SER H 42 19.31 15.49 -17.88
CA SER H 42 19.04 14.71 -16.69
C SER H 42 18.11 13.56 -17.06
N LEU H 43 17.78 12.76 -16.04
CA LEU H 43 16.88 11.63 -16.17
C LEU H 43 16.11 11.54 -14.85
N GLU H 44 16.55 12.35 -13.90
CA GLU H 44 15.96 12.43 -12.56
C GLU H 44 15.14 13.70 -12.40
N ALA H 45 15.47 14.71 -13.20
CA ALA H 45 14.76 15.99 -13.19
C ALA H 45 13.42 15.84 -13.90
N ARG H 46 12.41 16.57 -13.46
CA ARG H 46 11.09 16.49 -14.09
C ARG H 46 11.22 16.43 -15.60
N ALA H 47 10.46 15.53 -16.22
CA ALA H 47 10.49 15.34 -17.68
C ALA H 47 10.66 16.65 -18.46
N PHE H 48 9.86 17.66 -18.09
CA PHE H 48 9.89 18.98 -18.72
C PHE H 48 10.06 20.03 -17.61
N GLN H 49 10.68 21.16 -17.94
CA GLN H 49 10.91 22.23 -16.96
C GLN H 49 9.83 23.33 -17.05
N SER H 50 9.02 23.45 -15.99
CA SER H 50 7.93 24.46 -15.95
C SER H 50 8.26 25.76 -15.22
N THR H 51 8.34 26.82 -16.02
CA THR H 51 8.64 28.14 -15.52
C THR H 51 7.37 28.98 -15.58
N PRO H 52 6.55 28.97 -14.51
CA PRO H 52 5.33 29.78 -14.57
C PRO H 52 5.65 31.13 -15.20
N ILE H 53 4.73 31.62 -16.03
CA ILE H 53 4.93 32.88 -16.73
C ILE H 53 4.05 34.01 -16.19
N VAL H 54 4.67 35.18 -16.02
CA VAL H 54 4.00 36.37 -15.51
C VAL H 54 3.24 37.17 -16.56
N VAL H 55 1.91 37.13 -16.50
CA VAL H 55 1.07 37.86 -17.43
C VAL H 55 0.78 39.22 -16.82
N GLN H 56 1.26 40.29 -17.46
CA GLN H 56 1.03 41.62 -16.93
C GLN H 56 -0.22 42.27 -17.53
N MET H 57 -1.25 41.46 -17.73
CA MET H 57 -2.51 41.92 -18.29
C MET H 57 -3.10 43.12 -17.57
N THR H 58 -3.84 43.92 -18.33
CA THR H 58 -4.49 45.14 -17.83
C THR H 58 -6.01 44.98 -17.90
N LYS H 59 -6.73 45.54 -16.91
CA LYS H 59 -8.19 45.49 -16.89
C LYS H 59 -8.73 46.75 -17.58
N LEU H 60 -9.75 46.60 -18.41
CA LEU H 60 -10.29 47.76 -19.12
C LEU H 60 -11.57 48.37 -18.62
N ALA H 61 -11.65 49.69 -18.79
CA ALA H 61 -12.82 50.47 -18.41
C ALA H 61 -13.58 50.88 -19.68
N THR H 62 -12.87 51.48 -20.63
CA THR H 62 -13.46 51.93 -21.89
C THR H 62 -13.01 51.11 -23.09
N THR H 63 -13.95 50.76 -23.97
CA THR H 63 -13.68 49.98 -25.18
C THR H 63 -12.91 50.82 -26.22
N GLU H 64 -12.65 52.07 -25.89
CA GLU H 64 -11.95 52.95 -26.80
C GLU H 64 -10.45 52.73 -26.70
N GLU H 65 -10.03 52.03 -25.65
CA GLU H 65 -8.62 51.73 -25.42
C GLU H 65 -8.16 50.57 -26.29
N LEU H 66 -9.12 49.90 -26.92
CA LEU H 66 -8.80 48.76 -27.76
C LEU H 66 -8.33 49.06 -29.16
N PRO H 67 -7.61 48.10 -29.76
CA PRO H 67 -7.10 48.21 -31.13
C PRO H 67 -8.29 47.91 -32.03
N ASP H 68 -8.09 47.95 -33.35
CA ASP H 68 -9.17 47.67 -34.29
C ASP H 68 -9.37 46.20 -34.62
N GLU H 69 -8.34 45.38 -34.38
CA GLU H 69 -8.41 43.94 -34.62
C GLU H 69 -7.63 43.20 -33.55
N PHE H 70 -8.31 42.27 -32.89
CA PHE H 70 -7.68 41.49 -31.84
C PHE H 70 -8.38 40.16 -31.62
N VAL H 71 -7.81 39.32 -30.77
CA VAL H 71 -8.43 38.04 -30.48
C VAL H 71 -8.96 38.10 -29.06
N VAL H 72 -10.01 37.34 -28.83
CA VAL H 72 -10.62 37.33 -27.52
C VAL H 72 -10.74 35.94 -26.98
N VAL H 73 -10.02 35.70 -25.91
CA VAL H 73 -10.02 34.42 -25.24
C VAL H 73 -11.23 34.42 -24.32
N THR H 74 -12.34 33.91 -24.83
CA THR H 74 -13.56 33.83 -24.04
C THR H 74 -13.24 32.80 -22.98
N ALA H 75 -12.96 33.26 -21.76
CA ALA H 75 -12.63 32.35 -20.66
C ALA H 75 -13.72 31.30 -20.41
N LYS H 76 -14.08 30.60 -21.49
CA LYS H 76 -15.09 29.53 -21.53
C LYS H 76 -14.52 28.24 -20.94
#